data_8TIM
#
_entry.id   8TIM
#
_cell.length_a   106.010
_cell.length_b   74.760
_cell.length_c   61.740
_cell.angle_alpha   90.00
_cell.angle_beta   90.00
_cell.angle_gamma   90.00
#
_symmetry.space_group_name_H-M   'P 21 21 21'
#
loop_
_entity.id
_entity.type
_entity.pdbx_description
1 polymer 'TRIOSE PHOSPHATE ISOMERASE'
2 non-polymer 'SULFATE ION'
3 water water
#
_entity_poly.entity_id   1
_entity_poly.type   'polypeptide(L)'
_entity_poly.pdbx_seq_one_letter_code
;APRKFFVGGNWKMNGDKKSLGELIHTLNGAKLSADTEVVCGAPSIYLDFARQKLDAKIGVAAQNCYKVPKGAFTGEISPA
MIKDIGAAWVILGHSERRHVFGESDELIGQKVAHALAEGLGVIACIGEKLDEREAGITEKVVFEQTKAIADNVKDWSKVV
LAYEPVWAIGTGKTATPQQAQEVHEKLRGWLKTHVSDAVAQSTRIIYGGSVTGGNCKELASQHDVDGFLVGGASLKPEFV
DIINAKH
;
_entity_poly.pdbx_strand_id   A,B
#
# COMPACT_ATOMS: atom_id res chain seq x y z
N ALA A 1 -1.26 10.59 -32.77
CA ALA A 1 -2.27 11.68 -32.99
C ALA A 1 -1.77 12.96 -32.36
N PRO A 2 -2.40 14.10 -32.54
CA PRO A 2 -2.00 15.41 -31.99
C PRO A 2 -1.99 15.70 -30.51
N ARG A 3 -1.35 14.92 -29.73
CA ARG A 3 -1.09 14.72 -28.34
C ARG A 3 -1.26 15.94 -27.37
N LYS A 4 -2.24 15.53 -26.52
CA LYS A 4 -2.76 16.35 -25.45
C LYS A 4 -1.98 16.49 -24.16
N PHE A 5 -1.80 17.78 -23.85
CA PHE A 5 -1.06 18.16 -22.63
C PHE A 5 -1.72 17.46 -21.45
N PHE A 6 -0.77 16.81 -20.78
CA PHE A 6 -1.16 16.01 -19.57
C PHE A 6 -0.50 16.50 -18.32
N VAL A 7 -1.33 16.58 -17.27
CA VAL A 7 -0.69 17.06 -15.95
C VAL A 7 -1.26 16.18 -14.80
N GLY A 8 -0.29 15.56 -14.11
CA GLY A 8 -0.55 14.66 -13.02
C GLY A 8 -0.13 15.20 -11.69
N GLY A 9 -1.11 15.04 -10.77
CA GLY A 9 -0.78 15.50 -9.39
C GLY A 9 -0.53 14.24 -8.53
N ASN A 10 0.74 14.02 -8.17
CA ASN A 10 1.17 12.92 -7.31
C ASN A 10 1.30 13.38 -5.84
N TRP A 11 0.24 13.19 -5.05
CA TRP A 11 0.26 13.62 -3.64
C TRP A 11 1.17 12.83 -2.71
N LYS A 12 1.65 11.65 -3.06
CA LYS A 12 2.50 10.92 -2.15
C LYS A 12 1.75 10.61 -0.83
N MET A 13 2.47 10.52 0.26
CA MET A 13 1.98 10.24 1.56
C MET A 13 1.76 11.62 2.20
N ASN A 14 0.79 12.37 1.72
CA ASN A 14 0.56 13.70 2.29
C ASN A 14 -0.93 13.99 2.44
N GLY A 15 -1.22 14.92 3.33
CA GLY A 15 -2.62 15.32 3.52
C GLY A 15 -3.43 14.40 4.39
N ASP A 16 -4.61 14.91 4.64
CA ASP A 16 -5.75 14.39 5.37
C ASP A 16 -6.93 15.11 4.62
N LYS A 17 -8.02 14.49 4.93
CA LYS A 17 -9.32 14.84 4.42
C LYS A 17 -9.62 16.32 4.54
N LYS A 18 -9.22 16.95 5.65
CA LYS A 18 -9.52 18.41 5.74
C LYS A 18 -8.69 19.11 4.65
N SER A 19 -7.39 19.06 4.91
CA SER A 19 -6.40 19.69 4.05
C SER A 19 -6.55 19.53 2.56
N LEU A 20 -6.93 18.31 2.23
CA LEU A 20 -7.11 17.76 0.88
C LEU A 20 -8.36 18.33 0.24
N GLY A 21 -9.45 18.23 0.94
CA GLY A 21 -10.74 18.73 0.43
C GLY A 21 -10.49 20.21 0.12
N GLU A 22 -9.72 20.88 0.97
CA GLU A 22 -9.42 22.29 0.73
C GLU A 22 -8.82 22.34 -0.70
N LEU A 23 -7.77 21.54 -0.90
CA LEU A 23 -7.09 21.40 -2.19
C LEU A 23 -8.04 21.23 -3.40
N ILE A 24 -8.85 20.20 -3.25
CA ILE A 24 -9.84 19.81 -4.21
C ILE A 24 -10.82 20.97 -4.46
N HIS A 25 -11.19 21.64 -3.39
CA HIS A 25 -12.17 22.73 -3.46
C HIS A 25 -11.58 23.78 -4.43
N THR A 26 -10.36 24.13 -4.12
CA THR A 26 -9.58 25.08 -4.86
C THR A 26 -9.36 24.77 -6.33
N LEU A 27 -9.50 23.49 -6.60
CA LEU A 27 -9.28 22.86 -7.88
C LEU A 27 -10.50 22.82 -8.76
N ASN A 28 -11.46 22.32 -8.04
CA ASN A 28 -12.82 22.13 -8.49
C ASN A 28 -13.30 23.50 -8.95
N GLY A 29 -12.82 24.47 -8.16
CA GLY A 29 -13.16 25.90 -8.34
C GLY A 29 -12.34 26.64 -9.35
N ALA A 30 -11.11 26.28 -9.56
CA ALA A 30 -10.20 26.91 -10.56
C ALA A 30 -10.64 26.89 -12.01
N LYS A 31 -10.01 27.67 -12.90
CA LYS A 31 -10.30 27.80 -14.34
C LYS A 31 -9.23 26.99 -15.08
N LEU A 32 -9.54 25.86 -15.68
CA LEU A 32 -8.34 25.19 -16.35
C LEU A 32 -8.71 24.88 -17.74
N SER A 33 -7.73 24.94 -18.62
CA SER A 33 -8.07 24.71 -20.05
C SER A 33 -8.20 23.32 -20.52
N ALA A 34 -9.06 22.96 -21.51
CA ALA A 34 -8.87 21.52 -21.83
C ALA A 34 -7.64 22.00 -22.79
N ASP A 35 -7.01 20.96 -23.10
CA ASP A 35 -5.81 21.07 -23.97
C ASP A 35 -5.06 20.20 -22.96
N THR A 36 -5.45 20.66 -21.70
CA THR A 36 -4.78 19.92 -20.60
C THR A 36 -5.68 18.94 -19.88
N GLU A 37 -5.06 17.76 -19.92
CA GLU A 37 -5.62 16.57 -19.28
C GLU A 37 -5.16 16.54 -17.86
N VAL A 38 -6.05 16.57 -16.86
CA VAL A 38 -5.52 16.52 -15.45
C VAL A 38 -5.88 15.31 -14.63
N VAL A 39 -4.91 14.87 -13.84
CA VAL A 39 -5.17 13.69 -12.97
C VAL A 39 -4.43 13.80 -11.65
N CYS A 40 -5.19 13.45 -10.57
CA CYS A 40 -4.71 13.46 -9.18
C CYS A 40 -4.68 12.00 -8.64
N GLY A 41 -3.55 11.91 -8.02
CA GLY A 41 -3.19 10.62 -7.42
C GLY A 41 -3.10 10.77 -5.90
N ALA A 42 -4.14 10.22 -5.28
CA ALA A 42 -4.22 10.26 -3.83
C ALA A 42 -3.79 8.99 -3.13
N PRO A 43 -3.35 9.17 -1.89
CA PRO A 43 -2.97 8.07 -0.97
C PRO A 43 -4.13 7.10 -1.01
N SER A 44 -4.03 5.81 -0.86
CA SER A 44 -5.27 4.96 -1.04
C SER A 44 -6.41 5.16 -0.08
N ILE A 45 -6.22 5.47 1.18
CA ILE A 45 -7.38 5.66 2.06
C ILE A 45 -8.18 6.82 1.41
N TYR A 46 -7.45 7.78 0.84
CA TYR A 46 -8.17 8.92 0.27
C TYR A 46 -8.81 8.71 -1.09
N LEU A 47 -8.46 7.69 -1.81
CA LEU A 47 -9.01 7.58 -3.16
C LEU A 47 -10.48 7.83 -3.37
N ASP A 48 -11.27 7.20 -2.58
CA ASP A 48 -12.77 7.27 -2.83
C ASP A 48 -13.35 8.64 -2.52
N PHE A 49 -12.88 9.09 -1.42
CA PHE A 49 -13.20 10.36 -0.86
C PHE A 49 -13.00 11.43 -1.92
N ALA A 50 -11.87 11.21 -2.59
CA ALA A 50 -11.41 12.15 -3.62
C ALA A 50 -12.16 12.06 -4.90
N ARG A 51 -12.45 10.86 -5.31
CA ARG A 51 -13.19 10.70 -6.57
C ARG A 51 -14.54 11.40 -6.28
N GLN A 52 -15.02 11.12 -5.08
CA GLN A 52 -16.30 11.68 -4.61
C GLN A 52 -16.27 13.21 -4.68
N LYS A 53 -15.37 13.86 -4.07
CA LYS A 53 -15.20 15.28 -4.02
C LYS A 53 -14.74 15.90 -5.31
N LEU A 54 -13.92 15.20 -6.09
CA LEU A 54 -13.35 15.81 -7.32
C LEU A 54 -14.40 15.84 -8.43
N ASP A 55 -14.26 16.87 -9.27
CA ASP A 55 -15.19 17.05 -10.39
C ASP A 55 -14.86 16.07 -11.49
N ALA A 56 -15.88 15.75 -12.25
CA ALA A 56 -15.69 14.78 -13.40
C ALA A 56 -14.55 15.30 -14.25
N LYS A 57 -14.43 16.59 -14.39
CA LYS A 57 -13.36 17.23 -15.16
C LYS A 57 -12.02 16.59 -14.88
N ILE A 58 -11.74 16.27 -13.62
CA ILE A 58 -10.54 15.71 -13.08
C ILE A 58 -10.59 14.18 -12.76
N GLY A 59 -9.57 13.51 -13.29
CA GLY A 59 -9.31 12.11 -13.18
C GLY A 59 -8.60 11.87 -11.85
N VAL A 60 -8.76 10.59 -11.39
CA VAL A 60 -8.12 10.21 -10.12
C VAL A 60 -7.23 8.99 -10.37
N ALA A 61 -6.01 9.06 -9.84
CA ALA A 61 -5.06 7.95 -10.00
C ALA A 61 -4.62 7.43 -8.62
N ALA A 62 -4.48 6.14 -8.51
CA ALA A 62 -4.01 5.46 -7.37
C ALA A 62 -2.49 5.59 -7.55
N GLN A 63 -1.72 5.71 -6.48
CA GLN A 63 -0.26 5.82 -6.53
C GLN A 63 0.47 4.47 -6.61
N ASN A 64 -0.26 3.38 -6.80
CA ASN A 64 0.33 2.04 -6.91
C ASN A 64 -0.72 0.96 -6.79
N CYS A 65 -0.49 -0.26 -7.23
CA CYS A 65 -1.45 -1.41 -7.18
C CYS A 65 -0.59 -2.62 -7.33
N TYR A 66 -1.16 -3.76 -7.30
CA TYR A 66 -0.56 -5.10 -7.45
C TYR A 66 -1.00 -5.75 -8.75
N LYS A 67 -0.54 -6.92 -9.18
CA LYS A 67 -0.91 -7.52 -10.43
C LYS A 67 -1.86 -8.68 -10.39
N VAL A 68 -2.63 -8.63 -9.32
CA VAL A 68 -3.66 -9.76 -9.23
C VAL A 68 -4.85 -9.02 -8.73
N PRO A 69 -5.98 -9.54 -9.15
CA PRO A 69 -7.25 -8.92 -8.69
C PRO A 69 -7.57 -9.22 -7.23
N LYS A 70 -7.40 -10.43 -6.70
CA LYS A 70 -7.73 -10.82 -5.39
C LYS A 70 -6.72 -11.70 -4.66
N GLY A 71 -6.83 -11.68 -3.33
CA GLY A 71 -6.04 -12.46 -2.51
C GLY A 71 -5.23 -12.19 -1.31
N ALA A 72 -4.40 -13.25 -1.11
CA ALA A 72 -3.46 -13.32 0.02
C ALA A 72 -2.31 -12.36 -0.20
N PHE A 73 -2.64 -11.10 -0.28
CA PHE A 73 -1.69 -10.00 -0.46
C PHE A 73 -1.95 -8.98 0.64
N THR A 74 -1.58 -9.26 1.88
CA THR A 74 -1.87 -8.22 2.91
C THR A 74 -1.14 -6.89 2.69
N GLY A 75 -1.99 -5.85 2.66
CA GLY A 75 -1.44 -4.48 2.46
C GLY A 75 -1.63 -4.02 1.04
N GLU A 76 -1.91 -4.88 0.10
CA GLU A 76 -2.11 -4.45 -1.30
C GLU A 76 -3.51 -4.21 -1.76
N ILE A 77 -3.71 -3.36 -2.76
CA ILE A 77 -5.04 -3.11 -3.36
C ILE A 77 -4.81 -3.45 -4.85
N SER A 78 -5.88 -3.83 -5.48
CA SER A 78 -6.11 -4.27 -6.80
C SER A 78 -6.69 -3.33 -7.80
N PRO A 79 -6.31 -3.49 -9.04
CA PRO A 79 -6.85 -2.67 -10.13
C PRO A 79 -8.35 -2.60 -10.12
N ALA A 80 -8.98 -3.66 -9.67
CA ALA A 80 -10.44 -3.84 -9.57
C ALA A 80 -10.95 -3.02 -8.38
N MET A 81 -10.02 -2.90 -7.41
CA MET A 81 -10.48 -2.06 -6.20
C MET A 81 -10.54 -0.65 -6.70
N ILE A 82 -9.35 -0.32 -7.32
CA ILE A 82 -9.21 1.01 -7.87
C ILE A 82 -10.45 1.40 -8.70
N LYS A 83 -10.79 0.47 -9.59
CA LYS A 83 -11.85 0.74 -10.52
C LYS A 83 -13.21 0.88 -9.82
N ASP A 84 -13.33 -0.02 -8.90
CA ASP A 84 -14.53 -0.13 -8.11
C ASP A 84 -14.93 1.27 -7.63
N ILE A 85 -13.88 1.91 -7.18
CA ILE A 85 -14.02 3.28 -6.60
C ILE A 85 -14.19 4.37 -7.60
N GLY A 86 -13.92 4.11 -8.90
CA GLY A 86 -14.09 5.17 -9.87
C GLY A 86 -12.79 5.83 -10.29
N ALA A 87 -11.68 5.28 -9.78
CA ALA A 87 -10.39 5.92 -10.25
C ALA A 87 -10.21 5.15 -11.56
N ALA A 88 -9.46 5.79 -12.45
CA ALA A 88 -9.16 5.21 -13.78
C ALA A 88 -7.71 5.11 -14.24
N TRP A 89 -6.85 5.56 -13.33
CA TRP A 89 -5.42 5.59 -13.55
C TRP A 89 -4.59 4.99 -12.45
N VAL A 90 -3.45 4.46 -12.75
CA VAL A 90 -2.63 4.01 -11.60
C VAL A 90 -1.20 4.54 -12.13
N ILE A 91 -0.57 5.08 -11.10
CA ILE A 91 0.77 5.59 -11.27
C ILE A 91 1.57 4.28 -10.93
N LEU A 92 2.54 4.03 -11.78
CA LEU A 92 3.34 2.82 -11.52
C LEU A 92 4.81 3.02 -11.96
N GLY A 93 5.64 2.38 -11.19
CA GLY A 93 7.09 2.31 -11.38
C GLY A 93 7.73 3.53 -10.74
N HIS A 94 6.99 4.12 -9.83
CA HIS A 94 7.54 5.30 -9.21
C HIS A 94 8.89 4.97 -8.56
N SER A 95 9.69 6.05 -8.65
CA SER A 95 11.04 6.01 -8.10
C SER A 95 11.06 5.49 -6.65
N GLU A 96 10.26 6.11 -5.83
CA GLU A 96 10.25 5.67 -4.41
C GLU A 96 10.00 4.21 -4.26
N ARG A 97 9.20 3.61 -5.15
CA ARG A 97 8.93 2.15 -5.02
C ARG A 97 10.00 1.25 -5.58
N ARG A 98 10.52 1.91 -6.68
CA ARG A 98 11.63 1.18 -7.34
C ARG A 98 12.68 1.09 -6.23
N HIS A 99 12.98 2.29 -5.70
CA HIS A 99 14.05 2.40 -4.74
C HIS A 99 13.90 2.22 -3.29
N VAL A 100 12.80 2.50 -2.75
CA VAL A 100 12.69 2.30 -1.32
C VAL A 100 12.03 0.97 -1.03
N PHE A 101 11.19 0.58 -1.97
CA PHE A 101 10.38 -0.68 -1.79
C PHE A 101 10.87 -1.81 -2.62
N GLY A 102 11.93 -1.57 -3.33
CA GLY A 102 12.70 -2.37 -4.23
C GLY A 102 11.92 -2.99 -5.36
N GLU A 103 10.90 -2.27 -5.85
CA GLU A 103 10.16 -2.96 -6.97
C GLU A 103 10.97 -3.29 -8.19
N SER A 104 10.84 -4.52 -8.70
CA SER A 104 11.65 -4.88 -9.90
C SER A 104 11.02 -4.42 -11.22
N ASP A 105 11.93 -4.48 -12.18
CA ASP A 105 11.50 -4.07 -13.52
C ASP A 105 10.49 -5.12 -13.95
N GLU A 106 10.68 -6.37 -13.62
CA GLU A 106 9.80 -7.51 -13.92
C GLU A 106 8.47 -7.23 -13.24
N LEU A 107 8.62 -7.06 -11.91
CA LEU A 107 7.41 -6.76 -11.11
C LEU A 107 6.70 -5.53 -11.72
N ILE A 108 7.48 -4.54 -12.11
CA ILE A 108 6.66 -3.41 -12.63
C ILE A 108 5.90 -3.68 -13.88
N GLY A 109 6.53 -4.46 -14.68
CA GLY A 109 6.07 -4.83 -16.01
C GLY A 109 4.82 -5.63 -15.92
N GLN A 110 4.83 -6.39 -14.83
CA GLN A 110 3.58 -7.26 -14.65
C GLN A 110 2.43 -6.36 -14.16
N LYS A 111 2.84 -5.29 -13.42
CA LYS A 111 1.70 -4.43 -12.91
C LYS A 111 1.17 -3.73 -14.16
N VAL A 112 2.16 -3.37 -15.02
CA VAL A 112 1.55 -2.69 -16.18
C VAL A 112 0.60 -3.62 -16.91
N ALA A 113 1.12 -4.73 -17.32
CA ALA A 113 0.14 -5.61 -18.10
C ALA A 113 -1.16 -5.84 -17.33
N HIS A 114 -1.09 -6.15 -16.00
CA HIS A 114 -2.37 -6.39 -15.29
C HIS A 114 -3.30 -5.17 -15.29
N ALA A 115 -2.69 -4.02 -15.01
CA ALA A 115 -3.54 -2.79 -14.94
C ALA A 115 -4.26 -2.57 -16.26
N LEU A 116 -3.52 -2.76 -17.34
CA LEU A 116 -4.07 -2.60 -18.71
C LEU A 116 -5.20 -3.59 -18.97
N ALA A 117 -4.93 -4.85 -18.71
CA ALA A 117 -5.97 -5.86 -18.92
C ALA A 117 -7.29 -5.53 -18.24
N GLU A 118 -7.25 -4.95 -17.09
CA GLU A 118 -8.32 -4.53 -16.22
C GLU A 118 -8.94 -3.21 -16.57
N GLY A 119 -8.37 -2.60 -17.63
CA GLY A 119 -8.82 -1.33 -18.15
C GLY A 119 -8.62 -0.08 -17.42
N LEU A 120 -7.48 0.08 -16.82
CA LEU A 120 -7.18 1.38 -16.05
C LEU A 120 -6.06 1.98 -16.90
N GLY A 121 -5.88 3.24 -17.07
CA GLY A 121 -4.85 3.91 -17.83
C GLY A 121 -3.64 3.86 -16.83
N VAL A 122 -2.50 3.96 -17.42
CA VAL A 122 -1.26 3.95 -16.66
C VAL A 122 -0.25 5.04 -17.04
N ILE A 123 0.36 5.56 -15.99
CA ILE A 123 1.44 6.56 -16.10
C ILE A 123 2.59 5.80 -15.37
N ALA A 124 3.51 5.36 -16.16
CA ALA A 124 4.70 4.55 -15.91
C ALA A 124 5.94 5.45 -16.02
N CYS A 125 6.74 5.21 -14.99
CA CYS A 125 7.94 5.91 -14.65
C CYS A 125 9.26 5.14 -14.75
N ILE A 126 10.11 5.93 -15.43
CA ILE A 126 11.51 5.54 -15.66
C ILE A 126 12.34 6.75 -15.17
N GLY A 127 13.59 6.50 -14.96
CA GLY A 127 14.55 7.55 -14.50
C GLY A 127 15.81 6.87 -13.96
N GLU A 128 16.87 7.62 -14.14
CA GLU A 128 18.24 7.20 -13.71
C GLU A 128 18.63 8.04 -12.50
N LYS A 129 19.51 7.45 -11.73
CA LYS A 129 20.14 7.90 -10.49
C LYS A 129 21.31 8.81 -10.74
N LEU A 130 21.74 9.66 -9.87
CA LEU A 130 22.84 10.60 -9.99
C LEU A 130 24.11 9.94 -10.55
N ASP A 131 24.28 8.74 -10.04
CA ASP A 131 25.41 7.85 -10.29
C ASP A 131 25.29 7.12 -11.61
N GLU A 132 24.08 7.06 -12.06
CA GLU A 132 23.76 6.46 -13.31
C GLU A 132 24.05 7.57 -14.34
N ARG A 133 23.55 8.71 -13.98
CA ARG A 133 23.68 9.89 -14.80
C ARG A 133 25.16 10.20 -14.92
N GLU A 134 25.86 10.22 -13.83
CA GLU A 134 27.27 10.52 -13.70
C GLU A 134 28.18 9.50 -14.29
N ALA A 135 27.71 8.24 -14.37
CA ALA A 135 28.60 7.22 -14.97
C ALA A 135 28.58 7.37 -16.51
N GLY A 136 27.58 8.08 -16.99
CA GLY A 136 27.30 8.33 -18.37
C GLY A 136 26.36 7.26 -18.96
N ILE A 137 25.65 6.53 -18.14
CA ILE A 137 24.75 5.41 -18.43
C ILE A 137 23.27 5.59 -18.44
N THR A 138 22.80 6.81 -18.48
CA THR A 138 21.42 7.26 -18.49
C THR A 138 20.54 6.51 -19.47
N GLU A 139 21.04 6.48 -20.68
CA GLU A 139 20.37 5.85 -21.86
C GLU A 139 20.09 4.36 -21.71
N LYS A 140 21.11 3.63 -21.32
CA LYS A 140 21.03 2.25 -21.09
C LYS A 140 19.91 1.98 -20.09
N VAL A 141 19.93 2.69 -18.99
CA VAL A 141 18.97 2.48 -17.91
C VAL A 141 17.50 2.71 -18.21
N VAL A 142 17.33 3.91 -18.66
CA VAL A 142 16.07 4.52 -19.05
C VAL A 142 15.60 3.59 -20.16
N PHE A 143 16.48 3.10 -21.02
CA PHE A 143 16.01 2.20 -22.07
C PHE A 143 15.55 0.82 -21.58
N GLU A 144 16.28 0.32 -20.62
CA GLU A 144 16.04 -0.98 -19.95
C GLU A 144 14.69 -0.91 -19.27
N GLN A 145 14.52 0.19 -18.54
CA GLN A 145 13.30 0.48 -17.84
C GLN A 145 12.13 0.36 -18.84
N THR A 146 12.17 1.24 -19.79
CA THR A 146 11.25 1.44 -20.83
C THR A 146 10.99 0.14 -21.58
N LYS A 147 12.04 -0.58 -21.91
CA LYS A 147 11.58 -1.84 -22.67
C LYS A 147 10.78 -2.78 -21.75
N ALA A 148 11.24 -2.84 -20.51
CA ALA A 148 10.56 -3.75 -19.53
C ALA A 148 9.05 -3.46 -19.61
N ILE A 149 8.73 -2.21 -19.70
CA ILE A 149 7.38 -1.64 -19.77
C ILE A 149 6.69 -1.97 -21.06
N ALA A 150 7.41 -1.64 -22.11
CA ALA A 150 7.01 -1.83 -23.48
C ALA A 150 6.69 -3.29 -23.81
N ASP A 151 7.54 -4.13 -23.22
CA ASP A 151 7.28 -5.53 -23.48
C ASP A 151 5.93 -5.91 -22.91
N ASN A 152 5.38 -5.03 -22.08
CA ASN A 152 4.09 -5.43 -21.44
C ASN A 152 2.86 -4.72 -21.89
N VAL A 153 3.05 -3.66 -22.62
CA VAL A 153 1.88 -2.92 -23.14
C VAL A 153 1.43 -3.65 -24.41
N LYS A 154 0.12 -3.59 -24.67
CA LYS A 154 -0.51 -4.15 -25.86
C LYS A 154 -1.10 -2.93 -26.64
N ASP A 155 -1.58 -1.97 -25.91
CA ASP A 155 -2.23 -0.74 -26.18
C ASP A 155 -1.73 0.55 -25.52
N TRP A 156 -0.79 1.15 -26.24
CA TRP A 156 -0.23 2.41 -25.81
C TRP A 156 -1.22 3.54 -25.62
N SER A 157 -2.47 3.37 -26.00
CA SER A 157 -3.40 4.51 -25.83
C SER A 157 -3.79 4.80 -24.40
N LYS A 158 -3.72 3.93 -23.45
CA LYS A 158 -4.07 4.29 -22.04
C LYS A 158 -2.75 4.45 -21.29
N VAL A 159 -1.68 4.76 -22.02
CA VAL A 159 -0.33 4.88 -21.44
C VAL A 159 0.48 6.16 -21.45
N VAL A 160 0.95 6.52 -20.24
CA VAL A 160 1.76 7.79 -20.22
C VAL A 160 3.08 7.36 -19.58
N LEU A 161 4.12 7.99 -20.15
CA LEU A 161 5.48 7.76 -19.71
C LEU A 161 5.91 8.98 -18.92
N ALA A 162 6.38 8.79 -17.75
CA ALA A 162 6.82 9.87 -16.87
C ALA A 162 8.31 9.75 -16.64
N TYR A 163 9.03 10.71 -17.23
CA TYR A 163 10.50 10.60 -17.02
C TYR A 163 10.83 11.47 -15.80
N GLU A 164 11.47 10.76 -14.87
CA GLU A 164 11.90 11.32 -13.60
C GLU A 164 13.36 11.18 -13.31
N PRO A 165 14.09 12.25 -13.53
CA PRO A 165 15.55 12.24 -13.24
C PRO A 165 15.59 12.12 -11.74
N VAL A 166 15.90 10.99 -11.20
CA VAL A 166 15.91 10.83 -9.72
C VAL A 166 17.10 11.61 -9.20
N TRP A 167 18.08 11.34 -10.07
CA TRP A 167 19.44 11.81 -10.08
C TRP A 167 19.47 13.28 -9.63
N ALA A 168 18.28 13.78 -9.99
CA ALA A 168 18.20 15.15 -9.63
C ALA A 168 17.28 15.57 -8.54
N ILE A 169 16.00 15.69 -8.68
CA ILE A 169 15.27 16.29 -7.51
C ILE A 169 15.88 16.26 -6.10
N GLY A 170 16.13 15.27 -5.28
CA GLY A 170 16.68 15.60 -3.93
C GLY A 170 18.18 15.61 -3.88
N THR A 171 18.88 16.55 -4.48
CA THR A 171 20.38 16.58 -4.45
C THR A 171 20.85 17.93 -5.01
N GLY A 172 19.89 18.82 -5.19
CA GLY A 172 20.06 20.15 -5.72
C GLY A 172 19.57 20.28 -7.18
N LYS A 173 20.52 20.55 -8.03
CA LYS A 173 20.68 20.72 -9.45
C LYS A 173 20.04 21.62 -10.52
N THR A 174 19.57 20.88 -11.54
CA THR A 174 19.03 21.25 -12.82
C THR A 174 17.75 20.73 -13.41
N ALA A 175 17.99 19.65 -14.20
CA ALA A 175 16.77 19.09 -14.85
C ALA A 175 16.34 20.42 -15.55
N THR A 176 17.29 20.95 -16.32
CA THR A 176 17.31 22.06 -17.14
C THR A 176 16.42 21.59 -18.32
N PRO A 177 15.59 22.48 -18.84
CA PRO A 177 14.77 22.10 -19.97
C PRO A 177 15.46 21.29 -21.06
N GLN A 178 16.76 21.68 -21.18
CA GLN A 178 17.62 21.05 -22.16
C GLN A 178 18.02 19.64 -21.78
N GLN A 179 18.35 19.43 -20.50
CA GLN A 179 18.77 18.01 -20.26
C GLN A 179 17.46 17.24 -20.29
N ALA A 180 16.40 17.80 -19.82
CA ALA A 180 15.10 17.11 -19.89
C ALA A 180 14.66 16.85 -21.33
N GLN A 181 14.78 17.81 -22.23
CA GLN A 181 14.36 17.69 -23.64
C GLN A 181 15.03 16.49 -24.29
N GLU A 182 16.26 16.34 -23.95
CA GLU A 182 17.14 15.26 -24.48
C GLU A 182 16.69 13.85 -24.21
N VAL A 183 16.43 13.51 -22.98
CA VAL A 183 15.94 12.17 -22.65
C VAL A 183 14.60 12.08 -23.38
N HIS A 184 13.74 13.11 -23.19
CA HIS A 184 12.38 13.02 -23.88
C HIS A 184 12.49 12.68 -25.35
N GLU A 185 13.38 13.35 -26.04
CA GLU A 185 13.66 13.11 -27.44
C GLU A 185 14.17 11.68 -27.70
N LYS A 186 15.13 11.20 -26.93
CA LYS A 186 15.61 9.80 -27.14
C LYS A 186 14.54 8.76 -26.83
N LEU A 187 13.83 8.89 -25.71
CA LEU A 187 12.74 7.91 -25.41
C LEU A 187 11.79 7.71 -26.61
N ARG A 188 11.23 8.83 -27.01
CA ARG A 188 10.30 8.93 -28.13
C ARG A 188 10.90 8.29 -29.37
N GLY A 189 12.21 8.50 -29.50
CA GLY A 189 12.96 7.95 -30.64
C GLY A 189 13.10 6.45 -30.31
N TRP A 190 13.22 6.13 -29.02
CA TRP A 190 13.36 4.67 -28.74
C TRP A 190 12.18 3.81 -29.19
N LEU A 191 11.07 4.33 -28.78
CA LEU A 191 9.71 3.85 -28.94
C LEU A 191 9.33 3.69 -30.39
N LYS A 192 9.78 4.66 -31.15
CA LYS A 192 9.64 4.84 -32.55
C LYS A 192 10.24 3.68 -33.31
N THR A 193 11.44 3.51 -32.77
CA THR A 193 12.38 2.43 -33.26
C THR A 193 12.00 1.15 -32.55
N HIS A 194 11.52 1.06 -31.32
CA HIS A 194 11.23 -0.35 -30.88
C HIS A 194 9.75 -0.60 -30.92
N VAL A 195 8.93 0.33 -31.30
CA VAL A 195 7.47 0.05 -31.34
C VAL A 195 6.85 0.38 -32.69
N SER A 196 6.67 1.65 -32.98
CA SER A 196 6.06 2.14 -34.17
C SER A 196 6.14 3.65 -34.10
N ASP A 197 6.16 4.33 -35.23
CA ASP A 197 6.22 5.80 -35.07
C ASP A 197 4.76 6.14 -34.70
N ALA A 198 3.95 5.15 -35.05
CA ALA A 198 2.49 5.47 -34.76
C ALA A 198 2.51 5.70 -33.25
N VAL A 199 2.96 4.69 -32.55
CA VAL A 199 3.00 4.77 -31.08
C VAL A 199 3.79 5.94 -30.52
N ALA A 200 4.91 6.21 -31.18
CA ALA A 200 5.87 7.20 -30.87
C ALA A 200 5.26 8.59 -30.80
N GLN A 201 4.39 8.73 -31.76
CA GLN A 201 3.69 10.03 -31.92
C GLN A 201 2.41 10.12 -31.13
N SER A 202 1.89 9.05 -30.59
CA SER A 202 0.63 9.14 -29.84
C SER A 202 0.91 9.33 -28.37
N THR A 203 2.03 8.75 -27.93
CA THR A 203 2.42 8.77 -26.54
C THR A 203 3.10 10.04 -26.01
N ARG A 204 2.43 10.42 -24.92
CA ARG A 204 2.70 11.49 -24.04
C ARG A 204 3.82 10.91 -23.10
N ILE A 205 4.89 11.67 -23.10
CA ILE A 205 6.08 11.54 -22.34
C ILE A 205 6.01 12.87 -21.51
N ILE A 206 5.81 12.62 -20.19
CA ILE A 206 5.72 13.76 -19.27
C ILE A 206 6.99 13.74 -18.40
N TYR A 207 7.23 15.00 -18.12
CA TYR A 207 8.41 15.38 -17.35
C TYR A 207 7.98 15.37 -15.92
N GLY A 208 8.77 14.70 -15.16
CA GLY A 208 8.71 14.44 -13.80
C GLY A 208 9.75 14.74 -12.79
N GLY A 209 10.65 15.63 -12.99
CA GLY A 209 11.73 16.16 -12.16
C GLY A 209 11.03 17.21 -11.24
N SER A 210 11.67 18.20 -10.66
CA SER A 210 10.93 19.09 -9.74
C SER A 210 10.25 20.26 -10.47
N VAL A 211 8.96 20.09 -10.72
CA VAL A 211 8.22 21.13 -11.45
C VAL A 211 7.59 22.08 -10.43
N THR A 212 7.48 23.32 -10.87
CA THR A 212 6.94 24.43 -10.13
C THR A 212 6.17 25.43 -11.01
N GLY A 213 5.70 26.41 -10.27
CA GLY A 213 4.98 27.56 -10.78
C GLY A 213 5.95 28.46 -11.57
N GLY A 214 7.18 28.59 -11.19
CA GLY A 214 8.29 29.37 -11.77
C GLY A 214 8.85 28.65 -12.99
N ASN A 215 9.10 27.38 -12.76
CA ASN A 215 9.55 26.45 -13.75
C ASN A 215 8.98 26.04 -15.09
N CYS A 216 7.74 25.55 -14.88
CA CYS A 216 6.82 24.94 -15.82
C CYS A 216 6.85 25.52 -17.23
N LYS A 217 6.61 26.79 -17.41
CA LYS A 217 6.56 27.41 -18.75
C LYS A 217 7.72 26.87 -19.58
N GLU A 218 8.88 27.12 -19.02
CA GLU A 218 10.18 26.76 -19.63
C GLU A 218 10.19 25.32 -20.05
N LEU A 219 9.71 24.45 -19.16
CA LEU A 219 9.71 23.04 -19.52
C LEU A 219 8.71 22.75 -20.61
N ALA A 220 7.55 23.19 -20.39
CA ALA A 220 6.37 22.99 -21.29
C ALA A 220 6.65 23.36 -22.73
N SER A 221 7.42 24.44 -22.79
CA SER A 221 7.90 25.14 -23.95
C SER A 221 8.65 24.21 -24.90
N GLN A 222 9.42 23.35 -24.25
CA GLN A 222 10.22 22.34 -24.97
C GLN A 222 9.37 21.50 -25.93
N HIS A 223 10.07 21.05 -26.95
CA HIS A 223 9.56 20.23 -28.05
C HIS A 223 8.94 18.88 -27.75
N ASP A 224 9.64 18.00 -27.06
CA ASP A 224 9.15 16.70 -26.70
C ASP A 224 8.64 16.53 -25.28
N VAL A 225 8.29 17.59 -24.58
CA VAL A 225 7.78 17.21 -23.18
C VAL A 225 6.27 17.35 -23.28
N ASP A 226 5.51 16.33 -23.01
CA ASP A 226 4.05 16.47 -23.11
C ASP A 226 3.43 16.75 -21.76
N GLY A 227 4.08 17.31 -20.75
CA GLY A 227 3.37 17.56 -19.46
C GLY A 227 4.20 17.26 -18.21
N PHE A 228 3.46 16.96 -17.12
CA PHE A 228 4.26 16.67 -15.93
C PHE A 228 3.58 15.79 -14.90
N LEU A 229 4.54 15.17 -14.27
CA LEU A 229 4.17 14.29 -13.14
C LEU A 229 4.52 15.30 -12.05
N VAL A 230 3.66 15.87 -11.28
CA VAL A 230 3.92 16.87 -10.27
C VAL A 230 3.69 16.31 -8.84
N GLY A 231 4.74 16.66 -8.10
CA GLY A 231 4.88 16.31 -6.69
C GLY A 231 4.55 17.31 -5.63
N GLY A 232 5.61 17.81 -4.99
CA GLY A 232 5.44 18.81 -3.91
C GLY A 232 4.41 19.91 -4.16
N ALA A 233 4.61 20.49 -5.33
CA ALA A 233 3.82 21.61 -5.86
C ALA A 233 2.39 21.21 -6.20
N SER A 234 2.14 19.88 -6.24
CA SER A 234 0.72 19.45 -6.56
C SER A 234 -0.14 19.68 -5.31
N LEU A 235 0.39 19.91 -4.15
CA LEU A 235 -0.27 20.16 -2.92
C LEU A 235 -0.59 21.64 -2.69
N LYS A 236 -0.29 22.53 -3.62
CA LYS A 236 -0.65 23.97 -3.33
C LYS A 236 -1.41 24.54 -4.45
N PRO A 237 -1.95 25.73 -4.29
CA PRO A 237 -2.73 26.33 -5.43
C PRO A 237 -1.83 26.48 -6.63
N GLU A 238 -0.52 26.52 -6.47
CA GLU A 238 0.41 26.64 -7.65
C GLU A 238 0.26 25.69 -8.83
N PHE A 239 -0.44 24.60 -8.48
CA PHE A 239 -0.70 23.49 -9.42
C PHE A 239 -1.57 24.07 -10.54
N VAL A 240 -2.53 24.90 -10.13
CA VAL A 240 -3.39 25.49 -11.22
C VAL A 240 -2.52 26.22 -12.26
N ASP A 241 -1.53 26.85 -11.65
CA ASP A 241 -0.57 27.58 -12.47
C ASP A 241 0.13 26.60 -13.42
N ILE A 242 0.49 25.46 -12.79
CA ILE A 242 1.20 24.47 -13.61
C ILE A 242 0.27 23.90 -14.68
N ILE A 243 -0.89 23.46 -14.20
CA ILE A 243 -1.90 22.90 -15.16
C ILE A 243 -2.01 23.78 -16.42
N ASN A 244 -2.31 25.04 -16.20
CA ASN A 244 -2.44 26.07 -17.25
C ASN A 244 -1.06 26.58 -17.74
N ALA A 245 -0.02 25.77 -17.58
CA ALA A 245 1.32 26.22 -17.98
C ALA A 245 1.38 26.63 -19.47
N LYS A 246 1.50 25.61 -20.27
CA LYS A 246 1.59 25.78 -21.71
C LYS A 246 0.47 26.78 -21.94
N HIS A 247 0.86 28.02 -21.95
CA HIS A 247 -0.26 29.03 -22.17
C HIS A 247 0.27 30.46 -21.92
N ALA B 1 -7.37 -7.98 33.70
CA ALA B 1 -6.98 -9.06 34.69
C ALA B 1 -6.82 -10.34 33.89
N PRO B 2 -7.95 -10.97 33.59
CA PRO B 2 -7.97 -12.19 32.73
C PRO B 2 -7.52 -11.56 31.38
N ARG B 3 -7.16 -12.29 30.36
CA ARG B 3 -6.73 -11.61 29.10
C ARG B 3 -7.91 -11.60 28.11
N LYS B 4 -8.39 -10.50 27.61
CA LYS B 4 -9.59 -10.41 26.73
C LYS B 4 -9.42 -11.02 25.36
N PHE B 5 -10.31 -11.98 25.07
CA PHE B 5 -10.32 -12.78 23.83
C PHE B 5 -10.31 -11.81 22.60
N PHE B 6 -9.26 -12.15 21.80
CA PHE B 6 -9.18 -11.28 20.62
C PHE B 6 -9.45 -12.01 19.29
N VAL B 7 -10.30 -11.30 18.52
CA VAL B 7 -10.56 -11.92 17.17
C VAL B 7 -10.36 -10.82 16.11
N GLY B 8 -9.27 -10.96 15.40
CA GLY B 8 -8.93 -9.98 14.32
C GLY B 8 -9.26 -10.77 13.03
N GLY B 9 -9.90 -10.04 12.15
CA GLY B 9 -10.28 -10.68 10.84
C GLY B 9 -9.46 -9.95 9.76
N ASN B 10 -8.70 -10.76 9.03
CA ASN B 10 -7.88 -10.14 7.95
C ASN B 10 -8.39 -10.44 6.53
N TRP B 11 -9.00 -9.39 5.94
CA TRP B 11 -9.59 -9.44 4.58
C TRP B 11 -8.62 -9.57 3.41
N LYS B 12 -7.41 -9.20 3.70
CA LYS B 12 -6.31 -9.27 2.70
C LYS B 12 -6.73 -8.46 1.50
N MET B 13 -6.34 -8.89 0.31
CA MET B 13 -6.71 -8.15 -0.92
C MET B 13 -7.90 -8.84 -1.51
N ASN B 14 -8.99 -8.67 -0.84
CA ASN B 14 -10.29 -9.21 -1.13
C ASN B 14 -11.41 -8.22 -0.87
N GLY B 15 -12.51 -8.29 -1.59
CA GLY B 15 -13.68 -7.46 -1.38
C GLY B 15 -14.02 -6.33 -2.26
N ASP B 16 -15.28 -5.88 -2.29
CA ASP B 16 -15.61 -4.72 -3.16
C ASP B 16 -16.59 -3.91 -2.30
N LYS B 17 -17.10 -2.76 -2.72
CA LYS B 17 -18.01 -2.16 -1.75
C LYS B 17 -19.25 -3.05 -1.51
N LYS B 18 -19.76 -3.55 -2.58
CA LYS B 18 -20.97 -4.34 -2.64
C LYS B 18 -20.76 -5.52 -1.76
N SER B 19 -19.88 -6.40 -1.97
CA SER B 19 -19.71 -7.55 -1.07
C SER B 19 -19.26 -7.20 0.34
N LEU B 20 -18.45 -6.18 0.37
CA LEU B 20 -17.97 -5.90 1.78
C LEU B 20 -19.19 -5.41 2.55
N GLY B 21 -19.91 -4.54 1.88
CA GLY B 21 -21.14 -3.93 2.48
C GLY B 21 -22.06 -5.02 3.00
N GLU B 22 -22.13 -6.04 2.15
CA GLU B 22 -22.98 -7.18 2.49
C GLU B 22 -22.68 -7.79 3.85
N LEU B 23 -21.41 -8.03 4.10
CA LEU B 23 -20.84 -8.62 5.32
C LEU B 23 -20.84 -7.68 6.52
N ILE B 24 -20.56 -6.39 6.19
CA ILE B 24 -20.55 -5.42 7.26
C ILE B 24 -21.93 -5.67 7.89
N HIS B 25 -22.83 -5.81 6.92
CA HIS B 25 -24.28 -6.03 7.15
C HIS B 25 -24.50 -7.22 8.09
N THR B 26 -24.12 -8.42 7.84
CA THR B 26 -24.24 -9.61 8.64
C THR B 26 -23.57 -9.51 10.00
N LEU B 27 -22.45 -8.80 9.97
CA LEU B 27 -21.63 -8.59 11.17
C LEU B 27 -22.37 -7.66 12.15
N ASN B 28 -22.65 -6.49 11.66
CA ASN B 28 -23.34 -5.44 12.39
C ASN B 28 -24.53 -6.00 13.17
N GLY B 29 -25.36 -6.73 12.42
CA GLY B 29 -26.53 -7.30 13.03
C GLY B 29 -26.30 -8.59 13.79
N ALA B 30 -25.08 -9.01 14.09
CA ALA B 30 -25.14 -10.34 14.85
C ALA B 30 -24.92 -9.86 16.30
N LYS B 31 -25.03 -10.85 17.13
CA LYS B 31 -24.88 -10.75 18.59
C LYS B 31 -23.55 -11.49 18.75
N LEU B 32 -22.66 -10.70 19.28
CA LEU B 32 -21.31 -11.23 19.45
C LEU B 32 -20.88 -11.18 20.85
N SER B 33 -20.20 -12.16 21.43
CA SER B 33 -19.89 -11.83 22.88
C SER B 33 -19.19 -10.54 23.19
N ALA B 34 -19.65 -9.87 24.25
CA ALA B 34 -18.98 -8.60 24.68
C ALA B 34 -17.61 -8.91 25.30
N ASP B 35 -17.41 -10.15 25.55
CA ASP B 35 -16.31 -10.88 26.10
C ASP B 35 -15.18 -10.88 25.08
N THR B 36 -15.59 -10.84 23.81
CA THR B 36 -14.61 -10.84 22.72
C THR B 36 -14.42 -9.44 22.15
N GLU B 37 -13.23 -9.30 21.72
CA GLU B 37 -12.68 -8.06 21.10
C GLU B 37 -12.42 -8.28 19.63
N VAL B 38 -13.28 -7.59 18.82
CA VAL B 38 -13.11 -7.77 17.35
C VAL B 38 -12.79 -6.51 16.55
N VAL B 39 -11.86 -6.85 15.68
CA VAL B 39 -11.24 -5.94 14.67
C VAL B 39 -11.20 -6.59 13.30
N CYS B 40 -11.43 -5.88 12.23
CA CYS B 40 -11.46 -6.15 10.81
C CYS B 40 -10.39 -5.26 10.06
N GLY B 41 -9.62 -6.03 9.29
CA GLY B 41 -8.54 -5.49 8.50
C GLY B 41 -8.96 -5.42 7.04
N ALA B 42 -9.36 -4.16 6.69
CA ALA B 42 -9.80 -3.94 5.31
C ALA B 42 -8.65 -3.38 4.46
N PRO B 43 -8.83 -3.56 3.15
CA PRO B 43 -7.84 -3.03 2.20
C PRO B 43 -7.88 -1.53 2.39
N SER B 44 -6.71 -0.90 2.29
CA SER B 44 -6.56 0.59 2.44
C SER B 44 -7.66 1.37 1.71
N ILE B 45 -7.91 1.20 0.44
CA ILE B 45 -8.93 1.79 -0.34
C ILE B 45 -10.33 1.72 0.38
N TYR B 46 -10.54 0.68 1.22
CA TYR B 46 -11.86 0.58 1.89
C TYR B 46 -11.86 0.82 3.39
N LEU B 47 -10.87 1.48 3.89
CA LEU B 47 -10.82 1.65 5.37
C LEU B 47 -11.92 2.60 5.83
N ASP B 48 -12.11 3.75 5.26
CA ASP B 48 -13.09 4.80 5.54
C ASP B 48 -14.55 4.30 5.42
N PHE B 49 -14.75 3.60 4.30
CA PHE B 49 -16.11 3.00 4.07
C PHE B 49 -16.36 1.93 5.16
N ALA B 50 -15.35 1.22 5.51
CA ALA B 50 -15.40 0.17 6.51
C ALA B 50 -15.79 0.85 7.82
N ARG B 51 -14.96 1.86 8.07
CA ARG B 51 -15.12 2.63 9.31
C ARG B 51 -16.54 3.22 9.40
N GLN B 52 -16.91 3.75 8.28
CA GLN B 52 -18.22 4.36 8.21
C GLN B 52 -19.36 3.40 8.48
N LYS B 53 -19.30 2.19 7.99
CA LYS B 53 -20.36 1.19 8.14
C LYS B 53 -20.24 0.18 9.26
N LEU B 54 -19.05 -0.11 9.74
CA LEU B 54 -18.97 -1.09 10.81
C LEU B 54 -19.59 -0.43 12.06
N ASP B 55 -20.17 -1.39 12.80
CA ASP B 55 -20.81 -0.96 14.05
C ASP B 55 -19.59 -0.58 14.94
N ALA B 56 -19.82 0.49 15.69
CA ALA B 56 -18.82 1.06 16.60
C ALA B 56 -18.15 0.02 17.48
N LYS B 57 -18.82 -1.01 17.85
CA LYS B 57 -18.27 -2.07 18.72
C LYS B 57 -17.11 -2.83 18.10
N ILE B 58 -17.22 -2.95 16.76
CA ILE B 58 -16.26 -3.58 15.92
C ILE B 58 -15.05 -2.69 15.64
N GLY B 59 -13.82 -3.15 15.76
CA GLY B 59 -12.63 -2.28 15.46
C GLY B 59 -12.13 -2.36 14.04
N VAL B 60 -11.44 -1.34 13.57
CA VAL B 60 -10.96 -1.33 12.17
C VAL B 60 -9.47 -1.11 12.18
N ALA B 61 -8.93 -2.07 11.44
CA ALA B 61 -7.43 -2.12 11.31
C ALA B 61 -6.90 -1.94 9.97
N ALA B 62 -5.85 -1.25 9.77
CA ALA B 62 -5.22 -1.03 8.42
C ALA B 62 -4.31 -2.31 8.37
N GLN B 63 -4.12 -2.73 7.09
CA GLN B 63 -3.31 -3.95 6.87
C GLN B 63 -1.81 -3.70 6.71
N ASN B 64 -1.40 -2.45 6.86
CA ASN B 64 0.01 -2.08 6.73
C ASN B 64 0.08 -0.56 6.87
N CYS B 65 1.22 0.06 6.99
CA CYS B 65 1.41 1.52 7.10
C CYS B 65 2.96 1.72 6.97
N TYR B 66 3.38 2.98 6.85
CA TYR B 66 4.83 3.27 6.78
C TYR B 66 5.31 3.96 8.06
N LYS B 67 6.59 3.94 8.38
CA LYS B 67 7.27 4.54 9.46
C LYS B 67 7.11 6.07 9.57
N VAL B 68 6.32 6.65 8.62
CA VAL B 68 6.32 8.16 8.86
C VAL B 68 4.93 8.72 8.68
N PRO B 69 4.82 9.93 9.24
CA PRO B 69 3.64 10.73 9.24
C PRO B 69 3.40 11.11 7.78
N LYS B 70 4.34 11.79 7.15
CA LYS B 70 4.19 12.23 5.77
C LYS B 70 5.42 12.16 4.92
N GLY B 71 5.23 12.23 3.61
CA GLY B 71 6.44 12.17 2.80
C GLY B 71 6.31 11.49 1.46
N ALA B 72 7.50 11.73 0.88
CA ALA B 72 7.87 11.26 -0.46
C ALA B 72 7.95 9.74 -0.50
N PHE B 73 6.84 9.11 -0.23
CA PHE B 73 6.72 7.65 -0.21
C PHE B 73 5.51 7.24 -1.02
N THR B 74 5.78 7.35 -2.33
CA THR B 74 4.61 7.00 -3.24
C THR B 74 4.14 5.59 -2.92
N GLY B 75 2.78 5.66 -2.76
CA GLY B 75 2.04 4.44 -2.49
C GLY B 75 1.91 3.89 -1.13
N GLU B 76 2.32 4.59 -0.13
CA GLU B 76 2.32 4.39 1.28
C GLU B 76 1.16 5.19 1.92
N ILE B 77 0.95 4.79 3.10
CA ILE B 77 -0.04 5.23 4.12
C ILE B 77 0.59 5.30 5.48
N SER B 78 0.25 6.37 6.19
CA SER B 78 0.75 6.63 7.54
C SER B 78 -0.37 6.43 8.57
N PRO B 79 0.12 6.05 9.75
CA PRO B 79 -0.75 5.82 10.89
C PRO B 79 -1.73 6.95 11.15
N ALA B 80 -1.12 8.10 10.76
CA ALA B 80 -1.78 9.40 10.95
C ALA B 80 -3.04 9.43 10.12
N MET B 81 -2.76 8.79 8.95
CA MET B 81 -3.92 8.77 7.97
C MET B 81 -4.91 7.76 8.54
N ILE B 82 -4.33 6.70 9.08
CA ILE B 82 -5.27 5.66 9.65
C ILE B 82 -6.22 6.37 10.61
N LYS B 83 -5.59 6.95 11.63
CA LYS B 83 -6.22 7.71 12.68
C LYS B 83 -7.26 8.69 12.16
N ASP B 84 -6.91 9.25 11.00
CA ASP B 84 -7.88 10.25 10.38
C ASP B 84 -9.21 9.57 9.99
N ILE B 85 -9.24 8.46 9.32
CA ILE B 85 -10.52 7.84 8.91
C ILE B 85 -11.27 7.24 10.08
N GLY B 86 -10.57 7.34 11.20
CA GLY B 86 -10.99 6.84 12.48
C GLY B 86 -10.63 5.40 12.83
N ALA B 87 -9.68 4.76 12.16
CA ALA B 87 -9.31 3.38 12.41
C ALA B 87 -8.41 3.33 13.62
N ALA B 88 -8.39 2.26 14.38
CA ALA B 88 -7.52 2.20 15.58
C ALA B 88 -6.41 1.19 15.59
N TRP B 89 -6.39 0.26 14.64
CA TRP B 89 -5.33 -0.76 14.62
C TRP B 89 -4.62 -0.80 13.27
N VAL B 90 -3.48 -1.42 13.26
CA VAL B 90 -2.58 -1.66 12.17
C VAL B 90 -2.00 -3.09 12.43
N ILE B 91 -1.94 -3.87 11.44
CA ILE B 91 -1.44 -5.22 11.33
C ILE B 91 -0.02 -5.06 10.84
N LEU B 92 0.98 -5.45 11.60
CA LEU B 92 2.38 -5.26 11.09
C LEU B 92 3.22 -6.50 11.11
N GLY B 93 3.90 -6.69 10.00
CA GLY B 93 4.81 -7.81 9.82
C GLY B 93 4.22 -9.16 9.49
N HIS B 94 3.11 -9.22 8.83
CA HIS B 94 2.28 -10.24 8.26
C HIS B 94 3.20 -10.98 7.25
N SER B 95 3.21 -12.31 7.33
CA SER B 95 4.06 -13.14 6.49
C SER B 95 3.93 -12.70 5.03
N GLU B 96 2.76 -12.16 4.56
CA GLU B 96 2.84 -11.81 3.10
C GLU B 96 3.78 -10.63 2.91
N ARG B 97 3.65 -9.61 3.73
CA ARG B 97 4.54 -8.46 3.61
C ARG B 97 6.01 -8.89 3.73
N ARG B 98 6.16 -9.74 4.73
CA ARG B 98 7.50 -10.27 5.00
C ARG B 98 8.05 -11.03 3.79
N HIS B 99 7.37 -12.05 3.34
CA HIS B 99 7.94 -12.86 2.21
C HIS B 99 7.50 -12.46 0.86
N VAL B 100 6.33 -11.88 0.71
CA VAL B 100 6.04 -11.52 -0.73
C VAL B 100 6.75 -10.16 -0.86
N PHE B 101 6.59 -9.34 0.18
CA PHE B 101 7.27 -8.01 -0.08
C PHE B 101 8.61 -7.75 0.51
N GLY B 102 9.29 -8.65 1.21
CA GLY B 102 10.60 -8.26 1.68
C GLY B 102 10.67 -7.38 2.89
N GLU B 103 9.54 -7.21 3.60
CA GLU B 103 9.70 -6.31 4.80
C GLU B 103 10.59 -6.97 5.83
N SER B 104 11.56 -6.20 6.28
CA SER B 104 12.53 -6.73 7.26
C SER B 104 12.21 -6.42 8.71
N ASP B 105 12.88 -7.30 9.41
CA ASP B 105 12.87 -7.34 10.93
C ASP B 105 12.96 -5.91 11.38
N GLU B 106 14.04 -5.24 11.03
CA GLU B 106 14.18 -3.81 11.39
C GLU B 106 13.10 -2.87 10.88
N LEU B 107 12.61 -3.08 9.67
CA LEU B 107 11.55 -2.17 9.12
C LEU B 107 10.30 -2.31 10.01
N ILE B 108 9.86 -3.54 10.13
CA ILE B 108 8.72 -3.89 10.97
C ILE B 108 8.90 -3.21 12.30
N GLY B 109 10.07 -3.40 12.96
CA GLY B 109 10.30 -2.76 14.28
C GLY B 109 10.13 -1.25 14.23
N GLN B 110 10.68 -0.67 13.13
CA GLN B 110 10.58 0.84 13.03
C GLN B 110 9.08 1.19 12.97
N LYS B 111 8.40 0.31 12.22
CA LYS B 111 6.93 0.55 12.04
C LYS B 111 6.17 0.54 13.35
N VAL B 112 6.56 -0.50 14.09
CA VAL B 112 5.87 -0.68 15.38
C VAL B 112 6.01 0.55 16.26
N ALA B 113 7.21 1.00 16.44
CA ALA B 113 7.35 2.15 17.38
C ALA B 113 6.59 3.36 16.91
N HIS B 114 6.62 3.52 15.59
CA HIS B 114 5.90 4.72 15.02
C HIS B 114 4.38 4.61 15.25
N ALA B 115 3.90 3.43 14.97
CA ALA B 115 2.48 3.16 15.17
C ALA B 115 2.10 3.44 16.62
N LEU B 116 2.82 2.88 17.57
CA LEU B 116 2.54 3.06 18.99
C LEU B 116 2.63 4.54 19.34
N ALA B 117 3.73 5.06 18.88
CA ALA B 117 4.10 6.49 19.08
C ALA B 117 3.00 7.42 18.66
N GLU B 118 2.11 7.07 17.83
CA GLU B 118 1.01 7.80 17.30
C GLU B 118 -0.31 7.41 17.83
N GLY B 119 -0.29 6.40 18.67
CA GLY B 119 -1.66 5.99 19.22
C GLY B 119 -2.36 4.82 18.68
N LEU B 120 -1.83 4.06 17.71
CA LEU B 120 -2.58 2.91 17.21
C LEU B 120 -2.26 1.72 18.13
N GLY B 121 -3.06 0.74 17.81
CA GLY B 121 -2.93 -0.58 18.48
C GLY B 121 -2.26 -1.23 17.15
N VAL B 122 -1.34 -2.08 17.56
CA VAL B 122 -0.51 -2.86 16.68
C VAL B 122 -0.70 -4.35 16.94
N ILE B 123 -0.95 -4.99 15.80
CA ILE B 123 -1.12 -6.43 15.82
C ILE B 123 0.20 -6.89 15.13
N ALA B 124 1.22 -7.23 15.87
CA ALA B 124 2.48 -7.69 15.28
C ALA B 124 2.36 -9.20 15.03
N CYS B 125 2.88 -9.66 13.95
CA CYS B 125 3.04 -10.92 13.34
C CYS B 125 4.45 -11.45 13.33
N ILE B 126 4.52 -12.69 13.78
CA ILE B 126 5.81 -13.41 13.80
C ILE B 126 5.44 -14.85 13.39
N GLY B 127 6.30 -15.68 12.87
CA GLY B 127 6.04 -17.05 12.44
C GLY B 127 7.17 -17.76 11.74
N GLU B 128 7.44 -19.07 11.80
CA GLU B 128 8.62 -19.56 10.99
C GLU B 128 8.16 -20.33 9.73
N LYS B 129 9.09 -20.41 8.77
CA LYS B 129 8.86 -21.11 7.53
C LYS B 129 9.12 -22.60 7.68
N LEU B 130 8.74 -23.44 6.79
CA LEU B 130 9.03 -24.86 6.85
C LEU B 130 10.58 -25.08 6.90
N ASP B 131 11.20 -24.48 5.91
CA ASP B 131 12.68 -24.67 5.85
C ASP B 131 13.10 -24.44 7.30
N GLU B 132 12.69 -23.44 8.00
CA GLU B 132 13.07 -23.18 9.40
C GLU B 132 12.59 -24.16 10.46
N ARG B 133 11.33 -24.45 10.46
CA ARG B 133 10.63 -25.35 11.35
C ARG B 133 11.43 -26.62 11.27
N GLU B 134 11.53 -27.02 10.00
CA GLU B 134 12.23 -28.25 9.61
C GLU B 134 13.60 -28.40 10.25
N ALA B 135 14.43 -27.46 9.96
CA ALA B 135 15.81 -27.38 10.47
C ALA B 135 15.83 -27.31 11.99
N GLY B 136 14.74 -27.23 12.69
CA GLY B 136 14.46 -27.13 14.09
C GLY B 136 14.73 -25.75 14.68
N ILE B 137 14.94 -24.74 13.90
CA ILE B 137 15.26 -23.35 14.15
C ILE B 137 14.08 -22.48 14.44
N THR B 138 13.01 -23.14 14.96
CA THR B 138 11.74 -22.41 15.24
C THR B 138 11.92 -21.30 16.31
N GLU B 139 12.23 -21.71 17.52
CA GLU B 139 12.40 -20.72 18.59
C GLU B 139 13.33 -19.58 18.10
N LYS B 140 14.44 -20.04 17.53
CA LYS B 140 15.43 -19.16 17.02
C LYS B 140 14.73 -18.08 16.18
N VAL B 141 14.08 -18.48 15.13
CA VAL B 141 13.40 -17.47 14.28
C VAL B 141 12.37 -16.57 14.93
N VAL B 142 11.36 -17.25 15.56
CA VAL B 142 10.31 -16.36 16.19
C VAL B 142 10.91 -15.56 17.34
N PHE B 143 11.96 -16.05 18.01
CA PHE B 143 12.52 -15.26 19.17
C PHE B 143 13.26 -14.02 18.63
N GLU B 144 13.91 -14.14 17.50
CA GLU B 144 14.61 -12.97 16.90
C GLU B 144 13.60 -12.01 16.24
N GLN B 145 12.50 -12.56 15.82
CA GLN B 145 11.35 -11.85 15.24
C GLN B 145 10.67 -11.05 16.37
N THR B 146 10.49 -11.68 17.53
CA THR B 146 9.88 -11.05 18.72
C THR B 146 10.80 -9.96 19.32
N LYS B 147 12.05 -10.34 19.43
CA LYS B 147 13.12 -9.54 19.95
C LYS B 147 13.09 -8.16 19.28
N ALA B 148 13.03 -8.29 17.98
CA ALA B 148 13.05 -7.04 17.12
C ALA B 148 11.84 -6.19 17.41
N ILE B 149 10.69 -6.72 17.71
CA ILE B 149 9.46 -5.94 17.99
C ILE B 149 9.67 -5.30 19.35
N ALA B 150 9.81 -6.20 20.29
CA ALA B 150 10.11 -5.92 21.66
C ALA B 150 11.06 -4.74 21.82
N ASP B 151 12.23 -4.83 21.17
CA ASP B 151 13.06 -3.65 21.35
C ASP B 151 12.37 -2.38 20.84
N ASN B 152 11.12 -2.23 20.56
CA ASN B 152 10.57 -1.01 20.02
C ASN B 152 9.24 -0.67 20.65
N VAL B 153 8.97 -1.47 21.65
CA VAL B 153 7.75 -1.41 22.41
C VAL B 153 8.09 -0.94 23.80
N LYS B 154 7.41 0.03 24.27
CA LYS B 154 7.53 0.61 25.56
C LYS B 154 6.30 0.41 26.44
N ASP B 155 5.20 0.18 25.75
CA ASP B 155 3.93 -0.05 26.42
C ASP B 155 3.19 -1.11 25.58
N TRP B 156 3.26 -2.28 26.07
CA TRP B 156 2.69 -3.49 25.57
C TRP B 156 1.19 -3.59 25.63
N SER B 157 0.63 -2.49 26.13
CA SER B 157 -0.87 -2.57 26.29
C SER B 157 -1.59 -2.40 25.00
N LYS B 158 -0.90 -1.85 24.04
CA LYS B 158 -1.55 -1.63 22.71
C LYS B 158 -1.02 -2.55 21.67
N VAL B 159 -0.48 -3.69 22.13
CA VAL B 159 0.10 -4.70 21.30
C VAL B 159 -0.40 -6.11 21.58
N VAL B 160 -0.75 -6.70 20.42
CA VAL B 160 -1.18 -8.06 20.31
C VAL B 160 -0.13 -8.82 19.44
N LEU B 161 0.27 -9.98 19.94
CA LEU B 161 1.18 -10.85 19.18
C LEU B 161 0.36 -11.94 18.44
N ALA B 162 0.60 -12.12 17.18
CA ALA B 162 0.02 -13.02 16.24
C ALA B 162 1.07 -14.02 15.69
N TYR B 163 0.87 -15.31 15.94
CA TYR B 163 1.83 -16.33 15.45
C TYR B 163 1.28 -16.91 14.17
N GLU B 164 2.18 -17.01 13.18
CA GLU B 164 1.70 -17.52 11.92
C GLU B 164 2.59 -18.68 11.57
N PRO B 165 1.93 -19.81 11.48
CA PRO B 165 2.62 -21.08 11.12
C PRO B 165 2.73 -21.15 9.63
N VAL B 166 3.69 -20.37 9.20
CA VAL B 166 3.94 -20.21 7.69
C VAL B 166 4.31 -21.56 7.19
N TRP B 167 5.12 -22.24 7.98
CA TRP B 167 5.49 -23.62 7.53
C TRP B 167 4.23 -24.39 7.21
N ALA B 168 3.07 -23.99 7.79
CA ALA B 168 1.87 -24.76 7.45
C ALA B 168 1.06 -24.02 6.33
N ILE B 169 1.55 -23.09 5.58
CA ILE B 169 0.76 -22.49 4.52
C ILE B 169 1.21 -23.03 3.13
N GLY B 170 0.45 -23.45 2.21
CA GLY B 170 0.65 -23.99 0.92
C GLY B 170 1.83 -24.98 0.83
N THR B 171 2.25 -25.53 1.95
CA THR B 171 3.30 -26.45 2.15
C THR B 171 2.92 -27.92 1.99
N GLY B 172 1.61 -28.04 2.13
CA GLY B 172 0.95 -29.35 2.08
C GLY B 172 0.97 -29.78 3.60
N LYS B 173 1.30 -28.90 4.52
CA LYS B 173 1.26 -29.36 5.97
C LYS B 173 0.04 -28.82 6.77
N THR B 174 -0.37 -29.59 7.74
CA THR B 174 -1.49 -29.33 8.65
C THR B 174 -1.03 -29.20 10.09
N ALA B 175 -1.09 -27.99 10.63
CA ALA B 175 -0.70 -27.74 12.01
C ALA B 175 -1.76 -28.26 12.97
N THR B 176 -1.32 -28.78 14.10
CA THR B 176 -2.26 -29.25 15.13
C THR B 176 -2.38 -28.15 16.21
N PRO B 177 -3.37 -28.40 17.03
CA PRO B 177 -3.72 -27.45 18.14
C PRO B 177 -2.52 -27.38 19.06
N GLN B 178 -2.09 -28.55 19.42
CA GLN B 178 -0.93 -28.77 20.25
C GLN B 178 0.28 -28.02 19.72
N GLN B 179 0.42 -27.99 18.42
CA GLN B 179 1.59 -27.30 17.82
C GLN B 179 1.42 -25.83 18.11
N ALA B 180 0.18 -25.40 17.90
CA ALA B 180 -0.16 -23.97 18.15
C ALA B 180 0.20 -23.60 19.58
N GLN B 181 -0.33 -24.32 20.53
CA GLN B 181 -0.17 -24.12 21.97
C GLN B 181 1.26 -23.97 22.47
N GLU B 182 2.00 -24.93 21.97
CA GLU B 182 3.42 -25.08 22.23
C GLU B 182 4.24 -23.85 21.89
N VAL B 183 3.85 -23.37 20.69
CA VAL B 183 4.60 -22.18 20.23
C VAL B 183 4.06 -21.09 21.12
N HIS B 184 2.77 -21.01 21.20
CA HIS B 184 2.25 -19.91 22.06
C HIS B 184 2.84 -19.97 23.44
N GLU B 185 2.81 -21.16 24.01
CA GLU B 185 3.39 -21.20 25.39
C GLU B 185 4.84 -20.76 25.38
N LYS B 186 5.56 -21.06 24.32
CA LYS B 186 6.99 -20.65 24.24
C LYS B 186 7.25 -19.17 24.05
N LEU B 187 6.31 -18.46 23.43
CA LEU B 187 6.32 -17.04 23.15
C LEU B 187 6.13 -16.34 24.50
N ARG B 188 5.17 -16.88 25.26
CA ARG B 188 4.86 -16.28 26.57
C ARG B 188 6.06 -16.52 27.47
N GLY B 189 6.69 -17.66 27.35
CA GLY B 189 7.87 -17.82 28.34
C GLY B 189 8.89 -16.77 27.94
N TRP B 190 9.13 -16.60 26.62
CA TRP B 190 10.12 -15.63 26.19
C TRP B 190 9.80 -14.26 26.83
N LEU B 191 8.51 -13.97 26.82
CA LEU B 191 8.20 -12.61 27.33
C LEU B 191 8.48 -12.42 28.79
N LYS B 192 8.22 -13.42 29.57
CA LYS B 192 8.49 -13.12 31.01
C LYS B 192 10.00 -13.18 31.18
N THR B 193 10.82 -13.90 30.43
CA THR B 193 12.20 -14.04 30.48
C THR B 193 13.03 -12.83 30.02
N HIS B 194 12.43 -12.20 29.00
CA HIS B 194 13.13 -11.03 28.42
C HIS B 194 12.34 -9.78 28.78
N VAL B 195 11.05 -9.82 29.05
CA VAL B 195 10.51 -8.48 29.37
C VAL B 195 10.11 -8.36 30.85
N SER B 196 8.97 -8.94 31.17
CA SER B 196 8.43 -8.87 32.52
C SER B 196 7.33 -9.90 32.58
N ASP B 197 7.19 -10.41 33.78
CA ASP B 197 6.20 -11.44 34.08
C ASP B 197 4.84 -10.82 33.76
N ALA B 198 4.80 -9.52 34.01
CA ALA B 198 3.60 -8.73 33.85
C ALA B 198 3.13 -8.62 32.42
N VAL B 199 4.11 -8.35 31.62
CA VAL B 199 3.86 -8.18 30.19
C VAL B 199 3.43 -9.54 29.70
N ALA B 200 4.16 -10.55 30.12
CA ALA B 200 3.82 -11.91 29.69
C ALA B 200 2.34 -12.32 29.87
N GLN B 201 2.05 -11.96 31.08
CA GLN B 201 0.78 -12.17 31.72
C GLN B 201 -0.37 -11.43 31.10
N SER B 202 -0.01 -10.18 30.79
CA SER B 202 -1.08 -9.31 30.24
C SER B 202 -1.33 -9.44 28.75
N THR B 203 -0.38 -9.74 27.96
CA THR B 203 -0.27 -9.85 26.54
C THR B 203 -0.94 -11.11 25.96
N ARG B 204 -1.73 -10.77 24.95
CA ARG B 204 -2.49 -11.71 24.16
C ARG B 204 -1.58 -12.27 23.05
N ILE B 205 -1.74 -13.50 22.82
CA ILE B 205 -1.01 -14.21 21.73
C ILE B 205 -2.20 -14.86 20.98
N ILE B 206 -2.41 -14.36 19.74
CA ILE B 206 -3.57 -14.93 19.03
C ILE B 206 -3.09 -15.88 17.98
N TYR B 207 -3.93 -16.89 17.61
CA TYR B 207 -3.33 -17.77 16.52
C TYR B 207 -3.64 -17.31 15.10
N GLY B 208 -2.60 -17.18 14.27
CA GLY B 208 -2.64 -16.73 12.85
C GLY B 208 -2.67 -17.83 11.81
N GLY B 209 -2.90 -19.09 12.23
CA GLY B 209 -2.97 -20.24 11.36
C GLY B 209 -4.36 -20.30 10.74
N SER B 210 -4.78 -21.48 10.28
CA SER B 210 -6.12 -21.58 9.66
C SER B 210 -7.19 -21.83 10.70
N VAL B 211 -8.20 -20.97 10.60
CA VAL B 211 -9.31 -21.09 11.55
C VAL B 211 -10.65 -21.09 10.90
N THR B 212 -11.49 -21.91 11.42
CA THR B 212 -12.85 -21.99 10.88
C THR B 212 -13.81 -22.22 12.00
N GLY B 213 -15.07 -22.28 11.63
CA GLY B 213 -16.13 -22.53 12.61
C GLY B 213 -15.71 -23.89 13.25
N GLY B 214 -15.21 -24.77 12.40
CA GLY B 214 -14.73 -26.11 12.75
C GLY B 214 -13.50 -26.27 13.59
N ASN B 215 -12.48 -25.46 13.73
CA ASN B 215 -11.32 -25.78 14.56
C ASN B 215 -11.18 -24.85 15.75
N CYS B 216 -11.87 -23.78 15.56
CA CYS B 216 -12.11 -22.59 16.34
C CYS B 216 -12.33 -22.86 17.82
N LYS B 217 -13.14 -23.85 18.21
CA LYS B 217 -13.38 -24.09 19.65
C LYS B 217 -12.25 -24.79 20.38
N GLU B 218 -11.62 -25.73 19.71
CA GLU B 218 -10.53 -26.47 20.36
C GLU B 218 -9.38 -25.54 20.66
N LEU B 219 -9.27 -24.77 19.59
CA LEU B 219 -8.17 -23.74 19.54
C LEU B 219 -8.27 -22.75 20.66
N ALA B 220 -9.46 -22.18 20.76
CA ALA B 220 -9.76 -21.16 21.78
C ALA B 220 -9.59 -21.75 23.17
N SER B 221 -9.70 -23.06 23.18
CA SER B 221 -9.59 -23.72 24.48
C SER B 221 -8.18 -23.94 24.94
N GLN B 222 -7.29 -23.78 24.00
CA GLN B 222 -5.86 -23.95 24.18
C GLN B 222 -5.46 -22.96 25.19
N HIS B 223 -4.60 -23.25 26.13
CA HIS B 223 -4.28 -22.20 27.13
C HIS B 223 -3.50 -20.99 26.86
N ASP B 224 -2.73 -21.00 25.77
CA ASP B 224 -1.86 -19.76 25.57
C ASP B 224 -2.39 -19.01 24.39
N VAL B 225 -3.52 -19.61 23.92
CA VAL B 225 -4.19 -19.03 22.75
C VAL B 225 -5.19 -17.98 23.20
N ASP B 226 -5.04 -16.71 22.92
CA ASP B 226 -5.90 -15.60 23.29
C ASP B 226 -6.81 -14.98 22.27
N GLY B 227 -7.05 -15.73 21.20
CA GLY B 227 -7.87 -15.20 20.09
C GLY B 227 -7.18 -15.73 18.83
N PHE B 228 -7.52 -15.02 17.78
CA PHE B 228 -7.02 -15.33 16.43
C PHE B 228 -6.96 -14.16 15.51
N LEU B 229 -6.24 -14.49 14.42
CA LEU B 229 -6.09 -13.50 13.31
C LEU B 229 -6.58 -14.45 12.17
N VAL B 230 -7.80 -14.26 11.77
CA VAL B 230 -8.57 -14.97 10.82
C VAL B 230 -8.45 -14.39 9.41
N GLY B 231 -8.18 -15.40 8.60
CA GLY B 231 -8.01 -15.10 7.15
C GLY B 231 -9.39 -15.26 6.47
N GLY B 232 -9.43 -16.30 5.68
CA GLY B 232 -10.57 -16.71 4.85
C GLY B 232 -11.99 -16.58 5.37
N ALA B 233 -12.13 -17.15 6.55
CA ALA B 233 -13.41 -17.18 7.28
C ALA B 233 -13.79 -15.77 7.69
N SER B 234 -12.91 -14.80 7.48
CA SER B 234 -13.31 -13.43 7.92
C SER B 234 -14.22 -12.87 6.81
N LEU B 235 -14.12 -13.44 5.60
CA LEU B 235 -15.01 -12.84 4.56
C LEU B 235 -16.38 -13.46 4.69
N LYS B 236 -16.58 -14.44 5.52
CA LYS B 236 -17.89 -15.07 5.70
C LYS B 236 -18.56 -14.96 7.06
N PRO B 237 -19.85 -15.29 7.09
CA PRO B 237 -20.69 -15.25 8.30
C PRO B 237 -20.22 -16.31 9.31
N GLU B 238 -19.45 -17.30 8.90
CA GLU B 238 -18.93 -18.25 9.93
C GLU B 238 -18.04 -17.42 10.89
N PHE B 239 -17.66 -16.25 10.33
CA PHE B 239 -16.82 -15.30 11.08
C PHE B 239 -17.60 -15.01 12.37
N VAL B 240 -18.94 -14.90 12.26
CA VAL B 240 -19.67 -14.64 13.55
C VAL B 240 -19.43 -15.90 14.42
N ASP B 241 -19.53 -17.07 13.87
CA ASP B 241 -19.28 -18.33 14.65
C ASP B 241 -17.91 -18.31 15.33
N ILE B 242 -16.91 -17.89 14.61
CA ILE B 242 -15.55 -17.83 15.18
C ILE B 242 -15.45 -16.80 16.29
N ILE B 243 -16.21 -15.73 16.20
CA ILE B 243 -16.12 -14.66 17.22
C ILE B 243 -16.72 -15.07 18.54
N ASN B 244 -17.79 -15.86 18.38
CA ASN B 244 -18.49 -16.34 19.59
C ASN B 244 -18.10 -17.81 19.77
N ALA B 245 -16.81 -18.06 19.91
CA ALA B 245 -16.22 -19.43 20.13
C ALA B 245 -16.10 -19.59 21.65
N LYS B 246 -15.02 -19.15 22.26
CA LYS B 246 -14.76 -19.19 23.70
C LYS B 246 -16.02 -18.75 24.41
N HIS B 247 -16.94 -19.64 24.75
CA HIS B 247 -18.18 -19.15 25.46
C HIS B 247 -18.73 -17.87 24.83
#